data_1TP2
#
_entry.id   1TP2
#
_cell.length_a   45.866
_cell.length_b   69.071
_cell.length_c   75.646
_cell.angle_alpha   90.00
_cell.angle_beta   90.00
_cell.angle_gamma   90.00
#
_symmetry.space_group_name_H-M   'P 21 21 21'
#
loop_
_entity.id
_entity.type
_entity.pdbx_description
1 polymer 'Phospholipase A2 VRV-PL-VIIIa'
2 non-polymer 'SULFATE ION'
3 non-polymer 'N-TRIDECANOIC ACID'
4 non-polymer 'ACETIC ACID'
5 water water
#
_entity_poly.entity_id   1
_entity_poly.type   'polypeptide(L)'
_entity_poly.pdbx_seq_one_letter_code
;SLLEFGKMILEETGKLAIPSYSSYGCYCGWGGKGTPKDATDRCCFVHDCCYGNLPDCNPKSDRYKYKRVNGAIVCEKGTS
CENRICECDKAAAICFRQNLNTYSKKYMLYPDFLCKGELKC
;
_entity_poly.pdbx_strand_id   A,B
#
# COMPACT_ATOMS: atom_id res chain seq x y z
N SER A 1 -14.62 -3.01 -0.16
CA SER A 1 -13.58 -2.38 0.69
C SER A 1 -12.29 -3.12 0.49
N LEU A 2 -11.19 -2.44 0.79
CA LEU A 2 -9.85 -3.00 0.65
C LEU A 2 -9.74 -4.36 1.33
N LEU A 3 -10.52 -4.58 2.37
CA LEU A 3 -10.51 -5.86 3.06
C LEU A 3 -10.91 -6.98 2.10
N GLU A 4 -12.00 -6.81 1.35
CA GLU A 4 -12.43 -7.83 0.39
C GLU A 4 -11.44 -7.88 -0.77
N PHE A 5 -11.03 -6.71 -1.24
CA PHE A 5 -10.13 -6.65 -2.36
C PHE A 5 -8.78 -7.32 -2.08
N GLY A 6 -8.16 -6.91 -0.98
CA GLY A 6 -6.93 -7.51 -0.58
C GLY A 6 -7.06 -9.02 -0.41
N LYS A 7 -8.21 -9.49 0.02
CA LYS A 7 -8.34 -10.94 0.21
C LYS A 7 -8.54 -11.61 -1.10
N MET A 8 -9.18 -10.89 -1.97
CA MET A 8 -9.43 -11.46 -3.27
C MET A 8 -8.14 -11.81 -3.95
N ILE A 9 -7.21 -10.85 -3.83
CA ILE A 9 -5.90 -10.93 -4.48
C ILE A 9 -5.06 -12.13 -4.02
N LEU A 10 -5.12 -12.44 -2.74
CA LEU A 10 -4.34 -13.55 -2.20
C LEU A 10 -4.95 -14.89 -2.61
N GLU A 11 -6.25 -14.91 -2.83
CA GLU A 11 -6.93 -16.13 -3.22
C GLU A 11 -6.59 -16.44 -4.65
N GLU A 12 -6.48 -15.41 -5.47
CA GLU A 12 -6.19 -15.56 -6.88
C GLU A 12 -4.69 -15.69 -7.23
N THR A 13 -3.88 -14.84 -6.60
CA THR A 13 -2.45 -14.84 -6.91
C THR A 13 -1.55 -15.63 -5.96
N GLY A 14 -1.93 -15.70 -4.69
CA GLY A 14 -1.11 -16.41 -3.73
C GLY A 14 -0.21 -15.43 -3.01
N LYS A 15 -0.23 -14.18 -3.44
CA LYS A 15 0.58 -13.14 -2.81
C LYS A 15 -0.27 -12.21 -1.91
N LEU A 16 0.36 -11.66 -0.89
CA LEU A 16 -0.34 -10.76 0.03
C LEU A 16 -0.45 -9.41 -0.64
N ALA A 17 -1.65 -8.83 -0.60
CA ALA A 17 -1.90 -7.55 -1.22
C ALA A 17 -0.80 -6.57 -0.88
N ILE A 18 -0.45 -6.45 0.46
CA ILE A 18 0.60 -5.73 1.00
C ILE A 18 1.81 -6.57 0.60
N PRO A 19 2.94 -5.89 0.48
CA PRO A 19 4.25 -5.93 -0.26
C PRO A 19 3.95 -6.15 -1.73
N SER A 20 3.58 -7.35 -2.12
CA SER A 20 3.38 -7.55 -3.53
C SER A 20 2.48 -6.50 -4.25
N TYR A 21 1.42 -5.87 -3.73
CA TYR A 21 0.81 -4.93 -4.72
C TYR A 21 0.65 -3.47 -4.34
N SER A 22 0.96 -3.14 -3.11
CA SER A 22 0.78 -1.79 -2.55
C SER A 22 1.57 -0.67 -3.22
N SER A 23 2.64 -1.00 -3.94
CA SER A 23 3.43 0.04 -4.59
C SER A 23 4.10 -0.41 -5.89
N TYR A 24 3.43 -1.28 -6.62
CA TYR A 24 3.97 -1.82 -7.87
C TYR A 24 3.79 -0.85 -9.04
N GLY A 25 4.86 -0.62 -9.80
CA GLY A 25 4.76 0.28 -10.94
C GLY A 25 4.23 1.66 -10.67
N CYS A 26 3.49 2.19 -11.62
CA CYS A 26 2.93 3.53 -11.51
C CYS A 26 1.49 3.63 -11.01
N TYR A 27 0.70 2.56 -11.14
CA TYR A 27 -0.69 2.62 -10.70
C TYR A 27 -1.03 1.65 -9.57
N CYS A 28 -0.16 0.68 -9.29
CA CYS A 28 -0.46 -0.27 -8.24
C CYS A 28 -0.24 0.33 -6.87
N GLY A 29 -1.12 -0.07 -5.94
CA GLY A 29 -1.20 0.61 -4.69
C GLY A 29 -1.75 1.88 -5.28
N TRP A 30 -2.31 2.86 -4.60
N TRP A 30 -2.01 3.16 -5.39
CA TRP A 30 -2.78 3.92 -5.46
CA TRP A 30 -2.67 4.37 -4.92
C TRP A 30 -1.69 4.93 -5.90
C TRP A 30 -2.96 5.32 -6.08
N GLY A 31 -2.01 5.66 -6.97
CA GLY A 31 -1.19 6.69 -7.61
C GLY A 31 -2.00 7.03 -8.86
N GLY A 32 -1.48 7.68 -9.90
CA GLY A 32 -2.39 7.93 -11.02
C GLY A 32 -1.75 8.62 -12.23
N LYS A 33 -0.42 8.66 -12.26
CA LYS A 33 0.26 9.29 -13.39
C LYS A 33 1.22 8.32 -14.06
N GLY A 34 1.63 8.68 -15.27
CA GLY A 34 2.56 7.85 -16.00
C GLY A 34 1.95 6.85 -16.96
N THR A 35 2.84 6.16 -17.66
CA THR A 35 2.47 5.13 -18.63
C THR A 35 2.72 3.79 -17.96
N PRO A 36 1.64 3.05 -17.67
CA PRO A 36 1.73 1.74 -17.02
C PRO A 36 3.00 1.01 -17.42
N LYS A 37 3.72 0.48 -16.46
CA LYS A 37 4.98 -0.21 -16.73
C LYS A 37 4.83 -1.55 -17.45
N ASP A 38 3.95 -2.39 -16.95
CA ASP A 38 3.74 -3.70 -17.57
C ASP A 38 2.29 -4.13 -17.52
N ALA A 39 2.06 -5.44 -17.68
CA ALA A 39 0.71 -5.98 -17.66
C ALA A 39 0.08 -5.83 -16.29
N THR A 40 0.78 -6.28 -15.26
CA THR A 40 0.24 -6.16 -13.90
C THR A 40 -0.13 -4.72 -13.63
N ASP A 41 0.78 -3.83 -13.98
CA ASP A 41 0.57 -2.40 -13.79
C ASP A 41 -0.66 -1.90 -14.60
N ARG A 42 -0.89 -2.46 -15.78
CA ARG A 42 -2.04 -2.02 -16.58
C ARG A 42 -3.34 -2.36 -15.88
N CYS A 43 -3.32 -3.41 -15.08
CA CYS A 43 -4.52 -3.77 -14.34
C CYS A 43 -4.83 -2.84 -13.21
N CYS A 44 -3.80 -2.35 -12.51
CA CYS A 44 -4.06 -1.42 -11.45
C CYS A 44 -4.67 -0.19 -12.10
N PHE A 45 -4.17 0.15 -13.28
CA PHE A 45 -4.63 1.28 -14.05
C PHE A 45 -6.13 1.16 -14.35
N VAL A 46 -6.48 0.06 -15.03
CA VAL A 46 -7.85 -0.21 -15.38
C VAL A 46 -8.74 -0.24 -14.15
N HIS A 47 -8.21 -0.81 -13.06
CA HIS A 47 -8.96 -0.89 -11.80
C HIS A 47 -9.23 0.51 -11.29
N ASP A 48 -8.29 1.43 -11.51
CA ASP A 48 -8.45 2.81 -11.09
C ASP A 48 -9.53 3.50 -11.94
N CYS A 49 -9.62 3.16 -13.22
CA CYS A 49 -10.63 3.75 -14.12
C CYS A 49 -12.01 3.22 -13.70
N CYS A 50 -12.01 1.99 -13.20
CA CYS A 50 -13.22 1.33 -12.77
C CYS A 50 -13.78 2.01 -11.51
N TYR A 51 -12.92 2.25 -10.53
CA TYR A 51 -13.34 2.92 -9.31
C TYR A 51 -13.81 4.33 -9.64
N GLY A 52 -13.14 4.96 -10.60
CA GLY A 52 -13.48 6.32 -11.00
C GLY A 52 -14.84 6.50 -11.63
N ASN A 53 -15.47 5.39 -12.02
CA ASN A 53 -16.78 5.45 -12.63
C ASN A 53 -17.89 5.07 -11.67
N LEU A 54 -17.64 5.32 -10.39
CA LEU A 54 -18.59 5.01 -9.32
C LEU A 54 -18.62 6.23 -8.41
N PRO A 55 -19.00 7.40 -8.97
CA PRO A 55 -19.07 8.66 -8.22
C PRO A 55 -19.99 8.61 -7.02
N ASP A 56 -21.04 7.81 -7.13
CA ASP A 56 -22.05 7.67 -6.09
C ASP A 56 -21.67 6.68 -4.98
N CYS A 57 -20.51 6.06 -5.12
CA CYS A 57 -20.08 5.06 -4.16
C CYS A 57 -18.77 5.34 -3.43
N ASN A 58 -18.56 4.58 -2.36
CA ASN A 58 -17.34 4.71 -1.58
C ASN A 58 -16.60 3.35 -1.69
N PRO A 59 -15.90 3.25 -2.86
CA PRO A 59 -15.12 2.02 -3.31
C PRO A 59 -14.15 1.37 -2.32
N LYS A 60 -13.33 2.25 -1.72
CA LYS A 60 -12.30 1.85 -0.78
C LYS A 60 -12.83 1.54 0.64
N SER A 61 -14.12 1.72 0.90
CA SER A 61 -14.60 1.48 2.28
C SER A 61 -15.85 0.60 2.40
N ASP A 62 -16.81 0.63 1.47
CA ASP A 62 -18.03 -0.16 1.62
C ASP A 62 -17.75 -1.66 1.57
N ARG A 63 -18.24 -2.41 2.55
CA ARG A 63 -18.03 -3.88 2.54
C ARG A 63 -19.12 -4.53 1.68
N TYR A 64 -18.71 -5.44 0.79
CA TYR A 64 -19.60 -6.18 -0.08
C TYR A 64 -19.31 -7.65 0.19
N LYS A 65 -20.25 -8.52 -0.19
CA LYS A 65 -20.09 -9.96 0.03
C LYS A 65 -19.92 -10.69 -1.29
N TYR A 66 -18.98 -11.64 -1.33
CA TYR A 66 -18.77 -12.41 -2.55
C TYR A 66 -18.40 -13.84 -2.18
N LYS A 67 -18.69 -14.77 -3.09
CA LYS A 67 -18.39 -16.18 -2.85
C LYS A 67 -17.66 -16.78 -4.03
N ARG A 68 -17.05 -17.94 -3.82
CA ARG A 68 -16.34 -18.60 -4.90
C ARG A 68 -17.12 -19.85 -5.30
N VAL A 69 -17.60 -19.87 -6.54
CA VAL A 69 -18.37 -20.99 -7.05
C VAL A 69 -17.51 -21.78 -8.02
N ASN A 70 -17.24 -23.04 -7.67
CA ASN A 70 -16.42 -23.90 -8.51
C ASN A 70 -15.14 -23.15 -8.89
N GLY A 71 -14.50 -22.58 -7.87
CA GLY A 71 -13.26 -21.84 -8.08
C GLY A 71 -13.37 -20.48 -8.73
N ALA A 72 -14.59 -20.01 -8.99
CA ALA A 72 -14.76 -18.69 -9.61
C ALA A 72 -15.37 -17.65 -8.66
N ILE A 73 -14.88 -16.42 -8.74
CA ILE A 73 -15.39 -15.35 -7.89
C ILE A 73 -16.77 -14.94 -8.36
N VAL A 74 -17.71 -14.87 -7.43
CA VAL A 74 -19.06 -14.48 -7.74
C VAL A 74 -19.51 -13.41 -6.78
N CYS A 75 -19.85 -12.25 -7.32
CA CYS A 75 -20.29 -11.15 -6.50
C CYS A 75 -21.75 -11.33 -6.11
N GLU A 76 -21.98 -11.43 -4.82
CA GLU A 76 -23.32 -11.62 -4.27
C GLU A 76 -24.12 -10.35 -4.49
N LYS A 77 -25.44 -10.42 -4.44
CA LYS A 77 -26.21 -9.21 -4.66
C LYS A 77 -26.30 -8.37 -3.40
N GLY A 78 -26.07 -7.07 -3.56
CA GLY A 78 -26.13 -6.16 -2.45
C GLY A 78 -26.69 -4.89 -3.07
N THR A 79 -26.12 -3.75 -2.70
CA THR A 79 -26.60 -2.51 -3.25
C THR A 79 -25.99 -2.34 -4.63
N SER A 80 -26.46 -1.34 -5.36
CA SER A 80 -25.94 -1.09 -6.68
C SER A 80 -24.43 -0.89 -6.54
N CYS A 81 -24.03 -0.14 -5.52
CA CYS A 81 -22.62 0.13 -5.27
C CYS A 81 -21.78 -1.12 -4.97
N GLU A 82 -22.17 -1.86 -3.93
CA GLU A 82 -21.45 -3.06 -3.53
C GLU A 82 -21.25 -4.01 -4.70
N ASN A 83 -22.18 -4.02 -5.65
CA ASN A 83 -22.09 -4.91 -6.80
C ASN A 83 -21.09 -4.42 -7.85
N ARG A 84 -21.14 -3.13 -8.15
CA ARG A 84 -20.25 -2.56 -9.13
C ARG A 84 -18.82 -2.56 -8.62
N ILE A 85 -18.66 -2.29 -7.33
CA ILE A 85 -17.32 -2.26 -6.72
C ILE A 85 -16.71 -3.65 -6.79
N CYS A 86 -17.50 -4.61 -6.33
CA CYS A 86 -17.07 -5.99 -6.32
C CYS A 86 -16.59 -6.43 -7.72
N GLU A 87 -17.32 -6.07 -8.76
CA GLU A 87 -16.92 -6.46 -10.11
C GLU A 87 -15.61 -5.79 -10.49
N CYS A 88 -15.39 -4.56 -10.03
CA CYS A 88 -14.14 -3.89 -10.35
C CYS A 88 -12.99 -4.68 -9.74
N ASP A 89 -13.15 -5.05 -8.48
CA ASP A 89 -12.16 -5.81 -7.72
C ASP A 89 -11.91 -7.19 -8.31
N LYS A 90 -12.98 -7.87 -8.71
CA LYS A 90 -12.82 -9.19 -9.27
C LYS A 90 -12.00 -9.12 -10.55
N ALA A 91 -12.29 -8.12 -11.38
CA ALA A 91 -11.61 -7.99 -12.64
C ALA A 91 -10.13 -7.75 -12.43
N ALA A 92 -9.79 -6.90 -11.47
CA ALA A 92 -8.40 -6.60 -11.22
C ALA A 92 -7.65 -7.82 -10.70
N ALA A 93 -8.25 -8.51 -9.74
CA ALA A 93 -7.66 -9.68 -9.12
C ALA A 93 -7.38 -10.74 -10.16
N ILE A 94 -8.41 -11.10 -10.91
CA ILE A 94 -8.27 -12.13 -11.93
C ILE A 94 -7.17 -11.74 -12.90
N CYS A 95 -7.14 -10.47 -13.27
CA CYS A 95 -6.10 -10.04 -14.16
C CYS A 95 -4.73 -10.30 -13.54
N PHE A 96 -4.58 -9.86 -12.31
CA PHE A 96 -3.33 -10.06 -11.61
C PHE A 96 -2.81 -11.49 -11.83
N ARG A 97 -3.65 -12.50 -11.60
CA ARG A 97 -3.26 -13.89 -11.80
C ARG A 97 -2.78 -14.13 -13.23
N GLN A 98 -3.63 -13.76 -14.18
CA GLN A 98 -3.31 -13.93 -15.60
C GLN A 98 -1.94 -13.41 -16.00
N ASN A 99 -1.41 -12.47 -15.24
CA ASN A 99 -0.13 -11.93 -15.60
C ASN A 99 0.94 -12.17 -14.56
N LEU A 100 0.72 -13.15 -13.68
CA LEU A 100 1.70 -13.47 -12.66
C LEU A 100 3.07 -13.78 -13.26
N ASN A 101 3.08 -14.50 -14.39
CA ASN A 101 4.34 -14.89 -15.05
C ASN A 101 5.18 -13.73 -15.58
N THR A 102 4.69 -12.50 -15.43
CA THR A 102 5.45 -11.33 -15.86
C THR A 102 5.67 -10.42 -14.65
N TYR A 103 5.22 -10.88 -13.50
CA TYR A 103 5.40 -10.10 -12.28
C TYR A 103 6.91 -9.92 -12.08
N SER A 104 7.34 -8.66 -11.98
CA SER A 104 8.76 -8.36 -11.82
C SER A 104 9.06 -7.61 -10.51
N LYS A 105 9.92 -8.19 -9.68
CA LYS A 105 10.29 -7.56 -8.41
C LYS A 105 10.86 -6.20 -8.77
N LYS A 106 11.46 -6.15 -9.94
CA LYS A 106 12.05 -4.93 -10.48
C LYS A 106 11.12 -3.73 -10.40
N TYR A 107 9.82 -3.96 -10.25
CA TYR A 107 8.86 -2.87 -10.18
C TYR A 107 8.21 -2.65 -8.83
N MET A 108 8.52 -3.47 -7.85
CA MET A 108 7.96 -3.26 -6.51
C MET A 108 8.66 -2.02 -5.99
N LEU A 109 7.96 -1.22 -5.18
CA LEU A 109 8.56 -0.02 -4.62
C LEU A 109 9.14 0.87 -5.71
N TYR A 110 8.42 0.96 -6.82
CA TYR A 110 8.82 1.77 -7.96
C TYR A 110 8.64 3.27 -7.67
N PRO A 111 9.67 4.07 -7.97
CA PRO A 111 9.61 5.51 -7.74
C PRO A 111 8.46 6.18 -8.48
N ASP A 112 7.41 6.49 -7.75
CA ASP A 112 6.24 7.16 -8.30
C ASP A 112 6.75 8.35 -9.12
N PHE A 113 7.87 8.90 -8.68
CA PHE A 113 8.50 10.04 -9.34
C PHE A 113 8.72 9.85 -10.84
N LEU A 114 9.22 8.68 -11.24
CA LEU A 114 9.47 8.40 -12.64
C LEU A 114 8.25 8.40 -13.56
N CYS A 115 7.04 8.42 -12.99
CA CYS A 115 5.82 8.42 -13.78
C CYS A 115 5.30 9.85 -14.01
N LYS A 116 5.34 10.30 -15.25
CA LYS A 116 4.89 11.66 -15.55
C LYS A 116 3.77 11.71 -16.60
N GLY A 117 2.76 12.55 -16.33
CA GLY A 117 1.67 12.69 -17.27
C GLY A 117 0.41 11.90 -16.99
N GLU A 118 -0.72 12.42 -17.43
CA GLU A 118 -2.01 11.76 -17.21
C GLU A 118 -2.60 11.21 -18.51
N LEU A 119 -2.66 9.89 -18.62
CA LEU A 119 -3.25 9.14 -19.71
C LEU A 119 -4.76 9.36 -19.65
N LYS A 120 -5.43 9.43 -20.79
CA LYS A 120 -6.88 9.48 -20.83
C LYS A 120 -7.27 8.08 -20.46
N CYS A 121 -7.78 7.89 -19.27
CA CYS A 121 -8.16 6.55 -18.90
C CYS A 121 -8.33 5.70 -20.15
N SER B 1 12.16 -3.69 15.93
CA SER B 1 11.64 -2.69 16.90
C SER B 1 11.83 -1.30 16.33
N LEU B 2 11.10 -0.34 16.90
CA LEU B 2 11.16 1.04 16.46
C LEU B 2 12.57 1.62 16.48
N LEU B 3 13.44 1.05 17.29
CA LEU B 3 14.79 1.55 17.35
C LEU B 3 15.53 1.23 16.05
N GLU B 4 15.20 0.11 15.41
CA GLU B 4 15.81 -0.25 14.13
C GLU B 4 15.12 0.57 13.04
N PHE B 5 13.79 0.66 13.12
CA PHE B 5 13.00 1.41 12.14
C PHE B 5 13.44 2.87 12.09
N GLY B 6 13.71 3.43 13.26
CA GLY B 6 14.14 4.81 13.32
C GLY B 6 15.52 4.97 12.74
N LYS B 7 16.34 3.95 12.86
CA LYS B 7 17.69 4.01 12.32
C LYS B 7 17.63 4.03 10.79
N MET B 8 16.81 3.15 10.21
CA MET B 8 16.68 3.11 8.75
C MET B 8 16.18 4.46 8.24
N ILE B 9 15.19 5.01 8.93
CA ILE B 9 14.62 6.30 8.54
C ILE B 9 15.68 7.38 8.47
N LEU B 10 16.48 7.51 9.53
CA LEU B 10 17.53 8.52 9.56
C LEU B 10 18.59 8.28 8.47
N GLU B 11 18.82 7.01 8.14
CA GLU B 11 19.79 6.63 7.12
C GLU B 11 19.29 6.97 5.73
N GLU B 12 18.09 6.52 5.39
CA GLU B 12 17.49 6.73 4.09
C GLU B 12 17.01 8.16 3.82
N THR B 13 16.58 8.88 4.84
CA THR B 13 16.07 10.23 4.63
C THR B 13 16.92 11.35 5.19
N GLY B 14 17.69 11.06 6.24
CA GLY B 14 18.50 12.09 6.86
C GLY B 14 17.69 12.87 7.90
N LYS B 15 16.38 12.59 7.99
CA LYS B 15 15.56 13.28 8.97
C LYS B 15 15.32 12.35 10.16
N LEU B 16 15.08 12.89 11.35
CA LEU B 16 14.83 12.08 12.54
C LEU B 16 13.36 11.64 12.55
N ALA B 17 13.11 10.38 12.93
CA ALA B 17 11.77 9.84 12.97
C ALA B 17 10.82 10.76 13.76
N ILE B 18 11.29 11.12 14.97
CA ILE B 18 10.53 12.04 15.81
C ILE B 18 11.05 13.43 15.46
N PRO B 19 10.10 14.23 14.95
CA PRO B 19 9.32 15.38 14.31
C PRO B 19 8.92 14.94 12.96
N SER B 20 9.91 15.00 12.10
CA SER B 20 9.76 14.70 10.70
C SER B 20 8.71 13.68 10.35
N TYR B 21 8.67 12.52 11.01
CA TYR B 21 7.66 11.51 10.62
C TYR B 21 6.72 11.01 11.70
N SER B 22 6.65 11.74 12.82
CA SER B 22 5.78 11.35 13.93
C SER B 22 4.49 12.20 14.08
N SER B 23 4.41 13.32 13.36
CA SER B 23 3.22 14.16 13.39
C SER B 23 3.04 14.76 12.01
N TYR B 24 3.07 13.89 11.00
CA TYR B 24 2.95 14.29 9.60
C TYR B 24 1.70 13.69 8.97
N GLY B 25 0.85 14.53 8.43
CA GLY B 25 -0.36 14.06 7.78
C GLY B 25 -1.35 13.37 8.69
N CYS B 26 -2.10 12.43 8.11
CA CYS B 26 -3.10 11.71 8.88
C CYS B 26 -2.61 10.33 9.34
N TYR B 27 -1.46 9.88 8.87
CA TYR B 27 -1.01 8.57 9.29
C TYR B 27 0.40 8.44 9.87
N CYS B 28 1.30 9.36 9.56
CA CYS B 28 2.63 9.24 10.12
C CYS B 28 2.53 9.72 11.57
N GLY B 29 2.43 8.73 12.45
CA GLY B 29 2.29 9.00 13.85
C GLY B 29 1.47 7.89 14.46
N TRP B 30 0.58 8.20 15.39
CA TRP B 30 -0.23 7.18 16.04
C TRP B 30 -1.73 7.35 15.89
N GLY B 31 -2.18 8.58 15.65
CA GLY B 31 -3.62 8.81 15.50
C GLY B 31 -4.31 7.90 14.49
N GLY B 32 -3.77 7.84 13.29
CA GLY B 32 -4.32 7.00 12.23
C GLY B 32 -5.78 7.11 11.85
N LYS B 33 -6.14 8.16 11.13
CA LYS B 33 -7.52 8.34 10.68
C LYS B 33 -7.64 9.16 9.39
N GLY B 34 -8.68 8.87 8.61
CA GLY B 34 -8.91 9.60 7.37
C GLY B 34 -8.25 9.07 6.12
N THR B 35 -8.05 9.96 5.17
CA THR B 35 -7.42 9.58 3.91
C THR B 35 -6.04 10.18 3.78
N PRO B 36 -5.04 9.36 3.46
CA PRO B 36 -3.67 9.83 3.30
C PRO B 36 -3.68 11.13 2.50
N LYS B 37 -2.85 12.09 2.89
CA LYS B 37 -2.82 13.38 2.21
C LYS B 37 -1.79 13.51 1.08
N ASP B 38 -0.75 12.67 1.11
CA ASP B 38 0.26 12.74 0.07
C ASP B 38 1.14 11.49 0.04
N ALA B 39 2.12 11.49 -0.85
CA ALA B 39 3.03 10.37 -1.03
C ALA B 39 3.60 9.85 0.28
N THR B 40 4.14 10.76 1.08
CA THR B 40 4.73 10.38 2.36
C THR B 40 3.68 9.86 3.32
N ASP B 41 2.50 10.47 3.32
CA ASP B 41 1.44 10.03 4.21
C ASP B 41 0.98 8.60 3.88
N ARG B 42 0.98 8.26 2.60
CA ARG B 42 0.58 6.93 2.18
C ARG B 42 1.60 5.86 2.55
N CYS B 43 2.88 6.22 2.54
CA CYS B 43 3.93 5.28 2.92
C CYS B 43 3.60 4.86 4.33
N CYS B 44 3.22 5.85 5.15
CA CYS B 44 2.84 5.59 6.54
C CYS B 44 1.56 4.79 6.64
N PHE B 45 0.59 5.08 5.79
CA PHE B 45 -0.66 4.33 5.80
C PHE B 45 -0.38 2.86 5.46
N VAL B 46 0.41 2.62 4.44
CA VAL B 46 0.73 1.27 4.04
C VAL B 46 1.50 0.55 5.12
N HIS B 47 2.38 1.29 5.79
CA HIS B 47 3.19 0.70 6.83
C HIS B 47 2.41 0.16 7.99
N ASP B 48 1.44 0.88 8.55
CA ASP B 48 0.77 0.24 9.66
C ASP B 48 -0.28 -0.75 9.19
N CYS B 49 -0.51 -0.79 7.89
CA CYS B 49 -1.45 -1.78 7.37
C CYS B 49 -0.60 -3.03 7.38
N CYS B 50 0.69 -2.85 7.14
CA CYS B 50 1.64 -3.95 7.13
C CYS B 50 1.78 -4.54 8.55
N TYR B 51 1.78 -3.67 9.55
CA TYR B 51 1.89 -4.12 10.93
C TYR B 51 0.61 -4.86 11.30
N GLY B 52 -0.46 -4.58 10.57
CA GLY B 52 -1.73 -5.23 10.80
C GLY B 52 -1.73 -6.70 10.43
N ASN B 53 -0.97 -7.09 9.40
CA ASN B 53 -0.92 -8.49 8.98
C ASN B 53 -0.06 -9.35 9.93
N LEU B 54 0.52 -8.73 10.95
CA LEU B 54 1.39 -9.44 11.92
C LEU B 54 0.78 -9.53 13.32
N PRO B 55 -0.43 -10.11 13.45
CA PRO B 55 -1.06 -10.22 14.78
C PRO B 55 -0.23 -11.02 15.77
N ASP B 56 0.41 -12.08 15.29
CA ASP B 56 1.20 -12.94 16.15
C ASP B 56 2.56 -12.40 16.55
N CYS B 57 2.82 -11.12 16.26
CA CYS B 57 4.11 -10.52 16.62
C CYS B 57 3.87 -9.20 17.31
N ASN B 58 4.94 -8.55 17.74
CA ASN B 58 4.81 -7.23 18.34
C ASN B 58 5.95 -6.32 17.87
N PRO B 59 5.74 -5.68 16.70
CA PRO B 59 6.61 -4.76 15.96
C PRO B 59 7.24 -3.61 16.75
N LYS B 60 6.50 -3.06 17.70
CA LYS B 60 7.02 -1.96 18.50
C LYS B 60 8.34 -2.30 19.20
N SER B 61 8.46 -3.51 19.73
CA SER B 61 9.67 -3.83 20.47
C SER B 61 10.61 -4.98 20.13
N ASP B 62 10.15 -6.06 19.50
CA ASP B 62 11.06 -7.17 19.17
C ASP B 62 12.12 -6.64 18.22
N ARG B 63 13.38 -6.77 18.58
CA ARG B 63 14.46 -6.28 17.75
C ARG B 63 14.97 -7.29 16.73
N TYR B 64 15.25 -6.80 15.53
CA TYR B 64 15.76 -7.62 14.44
C TYR B 64 17.05 -6.98 13.98
N LYS B 65 17.75 -7.66 13.08
CA LYS B 65 18.98 -7.13 12.54
C LYS B 65 18.87 -7.01 11.04
N TYR B 66 19.50 -5.99 10.50
CA TYR B 66 19.50 -5.78 9.05
C TYR B 66 20.87 -5.22 8.74
N LYS B 67 21.22 -5.21 7.46
CA LYS B 67 22.51 -4.70 7.03
C LYS B 67 22.33 -4.24 5.58
N ARG B 68 23.41 -3.73 5.00
CA ARG B 68 23.35 -3.30 3.64
C ARG B 68 24.22 -4.19 2.80
N VAL B 69 23.78 -4.43 1.58
CA VAL B 69 24.49 -5.25 0.64
C VAL B 69 24.44 -4.44 -0.64
N ASN B 70 25.60 -3.97 -1.07
CA ASN B 70 25.69 -3.14 -2.24
C ASN B 70 24.73 -1.97 -2.00
N GLY B 71 24.80 -1.40 -0.80
CA GLY B 71 23.98 -0.26 -0.42
C GLY B 71 22.49 -0.45 -0.22
N ALA B 72 22.01 -1.67 -0.36
CA ALA B 72 20.60 -1.95 -0.18
C ALA B 72 20.31 -2.55 1.19
N ILE B 73 19.14 -2.21 1.74
CA ILE B 73 18.75 -2.73 3.03
C ILE B 73 18.35 -4.18 2.87
N VAL B 74 18.93 -5.02 3.71
CA VAL B 74 18.63 -6.46 3.69
C VAL B 74 18.36 -6.91 5.11
N CYS B 75 17.24 -7.57 5.29
CA CYS B 75 16.88 -8.07 6.61
C CYS B 75 17.63 -9.35 6.91
N GLU B 76 18.46 -9.32 7.94
CA GLU B 76 19.21 -10.49 8.36
C GLU B 76 18.24 -11.60 8.73
N LYS B 77 18.72 -12.83 8.82
CA LYS B 77 17.79 -13.91 9.12
C LYS B 77 17.46 -14.01 10.59
N GLY B 78 16.28 -14.53 10.89
CA GLY B 78 15.88 -14.65 12.27
C GLY B 78 14.56 -15.37 12.41
N THR B 79 13.74 -14.93 13.35
CA THR B 79 12.42 -15.53 13.57
C THR B 79 11.50 -14.98 12.51
N SER B 80 10.46 -15.72 12.17
CA SER B 80 9.53 -15.28 11.14
C SER B 80 9.05 -13.87 11.40
N CYS B 81 8.74 -13.59 12.67
CA CYS B 81 8.30 -12.28 13.06
C CYS B 81 9.32 -11.21 12.74
N GLU B 82 10.53 -11.35 13.29
CA GLU B 82 11.61 -10.39 13.06
C GLU B 82 11.78 -10.12 11.58
N ASN B 83 11.72 -11.16 10.76
CA ASN B 83 11.85 -10.95 9.32
C ASN B 83 10.69 -10.17 8.68
N ARG B 84 9.46 -10.51 9.06
CA ARG B 84 8.29 -9.83 8.49
C ARG B 84 8.21 -8.39 8.98
N ILE B 85 8.47 -8.19 10.27
CA ILE B 85 8.43 -6.85 10.83
C ILE B 85 9.41 -5.95 10.06
N CYS B 86 10.60 -6.49 9.79
CA CYS B 86 11.67 -5.77 9.09
C CYS B 86 11.31 -5.42 7.65
N GLU B 87 10.60 -6.33 6.98
CA GLU B 87 10.19 -6.10 5.60
C GLU B 87 9.25 -4.90 5.58
N CYS B 88 8.36 -4.83 6.57
CA CYS B 88 7.44 -3.71 6.69
C CYS B 88 8.23 -2.40 6.83
N ASP B 89 9.20 -2.42 7.73
CA ASP B 89 10.04 -1.25 7.99
C ASP B 89 10.91 -0.89 6.79
N LYS B 90 11.56 -1.89 6.20
CA LYS B 90 12.43 -1.69 5.06
C LYS B 90 11.75 -0.91 3.96
N ALA B 91 10.58 -1.40 3.56
CA ALA B 91 9.78 -0.80 2.51
C ALA B 91 9.39 0.63 2.90
N ALA B 92 8.90 0.81 4.12
CA ALA B 92 8.50 2.13 4.58
C ALA B 92 9.62 3.19 4.47
N ALA B 93 10.81 2.83 4.94
CA ALA B 93 11.93 3.75 4.91
C ALA B 93 12.33 4.10 3.49
N ILE B 94 12.28 3.11 2.60
CA ILE B 94 12.62 3.35 1.20
C ILE B 94 11.57 4.27 0.59
N CYS B 95 10.33 4.03 0.97
CA CYS B 95 9.21 4.83 0.49
C CYS B 95 9.37 6.30 0.92
N PHE B 96 9.86 6.53 2.15
CA PHE B 96 10.06 7.91 2.62
C PHE B 96 11.14 8.58 1.81
N ARG B 97 12.15 7.83 1.40
CA ARG B 97 13.23 8.41 0.62
C ARG B 97 12.80 8.74 -0.81
N GLN B 98 12.07 7.83 -1.45
CA GLN B 98 11.63 8.06 -2.81
C GLN B 98 10.68 9.25 -2.90
N ASN B 99 10.14 9.66 -1.77
CA ASN B 99 9.19 10.78 -1.75
C ASN B 99 9.69 12.01 -0.98
N LEU B 100 11.00 12.09 -0.76
CA LEU B 100 11.56 13.24 -0.06
C LEU B 100 11.29 14.46 -0.91
N ASN B 101 10.97 14.21 -2.18
CA ASN B 101 10.71 15.25 -3.16
C ASN B 101 9.44 16.09 -2.89
N THR B 102 8.37 15.44 -2.47
CA THR B 102 7.13 16.15 -2.20
C THR B 102 6.84 16.36 -0.71
N TYR B 103 7.79 15.98 0.13
CA TYR B 103 7.66 16.14 1.57
C TYR B 103 7.56 17.65 1.87
N SER B 104 6.42 18.08 2.39
CA SER B 104 6.21 19.49 2.70
C SER B 104 5.89 19.74 4.17
N LYS B 105 6.33 20.89 4.67
CA LYS B 105 6.10 21.24 6.07
C LYS B 105 4.64 21.58 6.37
N LYS B 106 3.85 21.81 5.33
CA LYS B 106 2.44 22.15 5.54
C LYS B 106 1.60 21.01 6.13
N TYR B 107 2.16 19.81 6.15
CA TYR B 107 1.46 18.65 6.69
C TYR B 107 1.85 18.26 8.11
N MET B 108 2.76 19.02 8.71
CA MET B 108 3.19 18.72 10.07
C MET B 108 2.19 19.25 11.07
N LEU B 109 1.93 18.45 12.09
CA LEU B 109 0.98 18.83 13.11
C LEU B 109 -0.37 19.12 12.46
N TYR B 110 -0.69 18.31 11.45
CA TYR B 110 -1.94 18.45 10.71
C TYR B 110 -3.12 18.23 11.67
N PRO B 111 -4.16 19.08 11.55
CA PRO B 111 -5.34 18.96 12.41
C PRO B 111 -6.23 17.75 12.14
N ASP B 112 -6.74 17.18 13.22
CA ASP B 112 -7.61 16.01 13.20
C ASP B 112 -8.82 16.18 12.31
N PHE B 113 -9.47 17.35 12.37
CA PHE B 113 -10.65 17.58 11.56
C PHE B 113 -10.40 17.61 10.06
N LEU B 114 -9.13 17.61 9.64
CA LEU B 114 -8.79 17.62 8.23
C LEU B 114 -8.49 16.21 7.69
N CYS B 115 -8.62 15.22 8.56
CA CYS B 115 -8.42 13.82 8.18
C CYS B 115 -9.84 13.29 8.01
N LYS B 116 -10.23 13.13 6.76
CA LYS B 116 -11.61 12.79 6.35
C LYS B 116 -12.19 11.37 6.34
N GLY B 117 -12.15 10.71 5.19
CA GLY B 117 -12.79 9.41 5.01
C GLY B 117 -12.77 8.30 6.05
N GLU B 118 -13.38 7.17 5.69
CA GLU B 118 -13.42 5.98 6.52
C GLU B 118 -12.53 5.04 5.71
N LEU B 119 -11.42 4.59 6.29
CA LEU B 119 -10.52 3.72 5.56
C LEU B 119 -10.01 2.60 6.47
N LYS B 120 -10.08 1.36 5.98
CA LYS B 120 -9.64 0.22 6.78
C LYS B 120 -8.71 -0.70 6.02
N CYS B 121 -7.96 -1.51 6.78
CA CYS B 121 -7.03 -2.50 6.22
C CYS B 121 -6.65 -3.48 7.32
#